data_5XNR
#
_entry.id   5XNR
#
_cell.length_a   74.317
_cell.length_b   74.317
_cell.length_c   179.733
_cell.angle_alpha   90.000
_cell.angle_beta   90.000
_cell.angle_gamma   90.000
#
_symmetry.space_group_name_H-M   'P 41 21 2'
#
loop_
_entity.id
_entity.type
_entity.pdbx_description
1 polymer AlyQ
2 non-polymer 'CALCIUM ION'
3 non-polymer 'POTASSIUM ION'
4 non-polymer 'ACETATE ION'
5 non-polymer 'PHOSPHATE ION'
6 water water
#
_entity_poly.entity_id   1
_entity_poly.type   'polypeptide(L)'
_entity_poly.pdbx_seq_one_letter_code
;MNHKVHMQYDIVAVTASAHDGNLPENTIDGNLSTRWSANGSGQYITFDLGSAKTVNQVKAAWYNGDSRTSGFSISLGSDP
ASLTEVYSGTSSGQTNALESYSFTATTARYIRITGFGNSSNTWNSITEVAIFHAGEEGDGNEEAPGTAQIPSDLMSNCNQ
WKITYPDGSEDKTLCGEANNEYWFVNEDKNAMVFRAPIRSNNGTTPNSSYVRSELRERKEDGSADIYWTTTGTHVVYVKQ
AITQLPIVKDHLVATQIHGDKSAGIDDAMVMRLEGNHLFASFNGGKLRSDLTIKTNYNLGTVHEVIFEVINGKHYLYYSE
DGKLAEAYANGSAAAYLIKDGGNDYVMDLNYDQSYFKIGNYTQSNSEKEGSYTGDPNNYGEVVVYDYFVSHQHHHHHH
;
_entity_poly.pdbx_strand_id   A
#
loop_
_chem_comp.id
_chem_comp.type
_chem_comp.name
_chem_comp.formula
ACT non-polymer 'ACETATE ION' 'C2 H3 O2 -1'
CA non-polymer 'CALCIUM ION' 'Ca 2'
K non-polymer 'POTASSIUM ION' 'K 1'
PO4 non-polymer 'PHOSPHATE ION' 'O4 P -3'
#
# COMPACT_ATOMS: atom_id res chain seq x y z
N HIS A 3 -0.29 10.26 10.28
CA HIS A 3 -0.06 11.23 9.31
C HIS A 3 -0.05 10.56 7.94
N LYS A 4 -0.83 11.12 7.02
CA LYS A 4 -0.73 10.74 5.61
C LYS A 4 0.67 11.18 5.15
N VAL A 5 1.21 10.48 4.13
CA VAL A 5 2.58 10.80 3.65
C VAL A 5 2.47 11.88 2.56
N HIS A 6 3.34 12.88 2.70
CA HIS A 6 3.43 14.06 1.82
C HIS A 6 4.88 14.21 1.33
N MET A 7 5.12 13.99 0.04
CA MET A 7 6.47 14.11 -0.56
C MET A 7 6.75 15.55 -1.04
N GLN A 8 7.94 16.08 -0.74
CA GLN A 8 8.30 17.45 -1.09
C GLN A 8 9.34 17.44 -2.21
N TYR A 9 9.02 18.09 -3.33
CA TYR A 9 9.97 18.17 -4.45
C TYR A 9 10.95 19.33 -4.24
N ASP A 10 12.21 19.06 -4.55
CA ASP A 10 13.24 20.10 -4.54
C ASP A 10 13.05 21.01 -5.75
N ILE A 11 13.13 22.30 -5.51
CA ILE A 11 13.04 23.29 -6.58
C ILE A 11 14.47 23.60 -7.00
N VAL A 12 14.80 23.33 -8.25
CA VAL A 12 16.18 23.39 -8.65
C VAL A 12 16.49 24.77 -9.25
N ALA A 13 15.48 25.48 -9.76
CA ALA A 13 15.69 26.83 -10.24
C ALA A 13 14.36 27.58 -10.25
N VAL A 14 14.47 28.88 -10.38
CA VAL A 14 13.31 29.72 -10.40
C VAL A 14 13.63 30.97 -11.23
N THR A 15 12.63 31.38 -12.00
CA THR A 15 12.67 32.55 -12.85
C THR A 15 11.37 33.32 -12.63
N ALA A 16 11.23 34.43 -13.32
CA ALA A 16 10.05 35.26 -13.20
C ALA A 16 10.03 36.25 -14.35
N SER A 17 8.82 36.71 -14.67
CA SER A 17 8.59 37.73 -15.70
C SER A 17 9.25 39.07 -15.34
N ALA A 18 9.52 39.31 -14.07
CA ALA A 18 9.91 40.65 -13.60
C ALA A 18 10.34 40.58 -12.14
N HIS A 19 11.20 41.52 -11.69
CA HIS A 19 11.45 41.74 -10.26
C HIS A 19 11.93 43.18 -10.06
N ASP A 20 11.95 43.65 -8.81
CA ASP A 20 12.40 45.01 -8.48
C ASP A 20 13.73 44.97 -7.70
N GLY A 21 14.49 43.89 -7.85
CA GLY A 21 15.71 43.67 -7.05
C GLY A 21 15.48 42.70 -5.90
N ASN A 22 14.22 42.36 -5.63
CA ASN A 22 13.86 41.27 -4.72
C ASN A 22 13.76 40.00 -5.58
N LEU A 23 14.82 39.19 -5.57
CA LEU A 23 15.03 38.19 -6.64
C LEU A 23 14.11 36.98 -6.48
N PRO A 24 13.81 36.28 -7.56
CA PRO A 24 12.97 35.08 -7.50
C PRO A 24 13.48 33.97 -6.56
N GLU A 25 14.80 33.92 -6.36
CA GLU A 25 15.46 32.89 -5.56
C GLU A 25 15.11 33.10 -4.08
N ASN A 26 14.69 34.30 -3.74
CA ASN A 26 14.37 34.60 -2.38
C ASN A 26 13.21 33.70 -1.94
N THR A 27 12.49 33.05 -2.88
CA THR A 27 11.29 32.27 -2.50
C THR A 27 11.61 30.85 -2.03
N ILE A 28 12.86 30.40 -2.14
CA ILE A 28 13.18 29.03 -1.81
C ILE A 28 14.38 29.00 -0.87
N ASP A 29 14.61 30.06 -0.11
CA ASP A 29 15.82 30.13 0.73
C ASP A 29 15.45 29.79 2.18
N GLY A 30 14.17 29.53 2.46
CA GLY A 30 13.78 29.17 3.82
C GLY A 30 13.75 30.38 4.74
N ASN A 31 13.80 31.57 4.16
CA ASN A 31 13.99 32.80 4.92
C ASN A 31 12.73 33.66 4.77
N LEU A 32 12.06 34.00 5.86
CA LEU A 32 10.80 34.77 5.79
C LEU A 32 11.05 36.26 5.53
N SER A 33 12.30 36.72 5.66
CA SER A 33 12.55 38.16 5.56
C SER A 33 13.11 38.51 4.17
N THR A 34 13.36 37.53 3.30
CA THR A 34 13.65 37.82 1.89
C THR A 34 12.42 37.48 1.05
N ARG A 35 12.25 38.16 -0.08
CA ARG A 35 11.03 37.99 -0.88
C ARG A 35 11.36 38.20 -2.36
N TRP A 36 10.46 37.69 -3.20
CA TRP A 36 10.35 38.09 -4.58
C TRP A 36 9.32 39.22 -4.64
N SER A 37 9.56 40.27 -5.42
CA SER A 37 8.54 41.29 -5.69
C SER A 37 8.55 41.65 -7.17
N ALA A 38 7.36 41.81 -7.72
CA ALA A 38 7.13 42.35 -9.04
C ALA A 38 5.78 43.07 -9.05
N ASN A 39 5.79 44.28 -9.62
CA ASN A 39 4.63 45.16 -9.67
C ASN A 39 3.81 44.91 -10.94
N GLY A 40 2.51 44.64 -10.75
CA GLY A 40 1.58 44.60 -11.87
C GLY A 40 0.80 43.31 -11.91
N SER A 41 -0.49 43.41 -12.23
CA SER A 41 -1.29 42.24 -12.44
C SER A 41 -0.79 41.56 -13.70
N GLY A 42 -0.52 40.26 -13.61
CA GLY A 42 -0.09 39.48 -14.77
C GLY A 42 1.34 38.98 -14.63
N GLN A 43 2.08 39.53 -13.66
CA GLN A 43 3.49 39.15 -13.49
C GLN A 43 3.55 37.80 -12.78
N TYR A 44 4.61 37.04 -13.00
CA TYR A 44 4.58 35.72 -12.53
C TYR A 44 5.98 35.25 -12.13
N ILE A 45 5.97 34.22 -11.27
CA ILE A 45 7.20 33.54 -10.92
C ILE A 45 7.03 32.06 -11.28
N THR A 46 8.11 31.46 -11.80
CA THR A 46 8.10 30.11 -12.43
C THR A 46 9.14 29.18 -11.81
N PHE A 47 8.68 28.06 -11.24
CA PHE A 47 9.52 27.15 -10.44
C PHE A 47 9.84 25.92 -11.27
N ASP A 48 11.09 25.49 -11.21
CA ASP A 48 11.57 24.35 -12.00
C ASP A 48 11.98 23.19 -11.07
N LEU A 49 11.43 22.00 -11.33
CA LEU A 49 11.73 20.76 -10.55
C LEU A 49 12.80 19.88 -11.20
N GLY A 50 13.36 20.29 -12.33
CA GLY A 50 14.48 19.56 -12.94
C GLY A 50 14.04 18.51 -13.95
N SER A 51 12.91 17.85 -13.64
CA SER A 51 12.22 16.85 -14.48
C SER A 51 10.73 16.86 -14.12
N ALA A 52 9.93 16.01 -14.75
CA ALA A 52 8.47 15.98 -14.48
C ALA A 52 8.17 15.05 -13.29
N LYS A 53 7.26 15.50 -12.45
CA LYS A 53 6.90 14.82 -11.23
C LYS A 53 5.40 14.97 -11.04
N THR A 54 4.76 14.07 -10.28
CA THR A 54 3.33 14.23 -9.97
C THR A 54 3.16 15.26 -8.85
N VAL A 55 2.46 16.36 -9.17
CA VAL A 55 2.28 17.49 -8.25
C VAL A 55 0.78 17.65 -8.00
N ASN A 56 0.37 17.88 -6.76
CA ASN A 56 -1.06 18.12 -6.52
C ASN A 56 -1.26 19.19 -5.44
N GLN A 57 -0.19 19.89 -5.06
CA GLN A 57 -0.28 20.90 -4.01
C GLN A 57 0.88 21.89 -4.18
N VAL A 58 0.56 23.19 -4.12
CA VAL A 58 1.54 24.25 -4.09
C VAL A 58 1.31 25.05 -2.82
N LYS A 59 2.40 25.39 -2.13
CA LYS A 59 2.33 26.19 -0.94
C LYS A 59 3.04 27.52 -1.18
N ALA A 60 2.49 28.59 -0.64
CA ALA A 60 3.10 29.90 -0.73
C ALA A 60 2.94 30.63 0.59
N ALA A 61 3.94 31.40 0.98
CA ALA A 61 3.79 32.34 2.09
C ALA A 61 3.98 33.76 1.54
N TRP A 62 3.17 34.71 2.00
CA TRP A 62 3.04 35.99 1.34
C TRP A 62 3.68 37.08 2.19
N TYR A 63 4.28 38.06 1.52
CA TYR A 63 4.66 39.29 2.16
C TYR A 63 3.39 39.96 2.72
N ASN A 64 3.44 40.40 3.97
CA ASN A 64 2.26 40.95 4.62
C ASN A 64 1.07 39.98 4.48
N GLY A 65 1.30 38.70 4.65
CA GLY A 65 0.24 37.69 4.50
C GLY A 65 -0.85 37.78 5.56
N ASP A 66 -0.59 38.43 6.68
CA ASP A 66 -1.55 38.51 7.79
C ASP A 66 -2.18 39.91 7.85
N SER A 67 -1.86 40.78 6.90
CA SER A 67 -2.50 42.09 6.87
C SER A 67 -3.04 42.41 5.47
N ARG A 68 -2.99 41.51 4.48
CA ARG A 68 -3.58 41.82 3.19
C ARG A 68 -3.80 40.53 2.38
N THR A 69 -4.64 40.61 1.35
CA THR A 69 -4.93 39.46 0.51
C THR A 69 -4.31 39.68 -0.89
N SER A 70 -3.95 38.57 -1.53
CA SER A 70 -3.29 38.56 -2.82
C SER A 70 -4.03 37.62 -3.76
N GLY A 71 -4.24 38.06 -4.99
CA GLY A 71 -4.93 37.22 -5.97
C GLY A 71 -3.93 36.49 -6.84
N PHE A 72 -4.22 35.25 -7.23
CA PHE A 72 -3.24 34.52 -8.05
C PHE A 72 -3.90 33.34 -8.78
N SER A 73 -3.13 32.73 -9.67
CA SER A 73 -3.51 31.49 -10.31
C SER A 73 -2.25 30.64 -10.52
N ILE A 74 -2.41 29.33 -10.45
CA ILE A 74 -1.31 28.42 -10.59
C ILE A 74 -1.47 27.65 -11.90
N SER A 75 -0.37 27.47 -12.62
CA SER A 75 -0.38 26.72 -13.85
C SER A 75 0.87 25.81 -13.93
N LEU A 76 0.70 24.66 -14.59
CA LEU A 76 1.64 23.54 -14.53
C LEU A 76 1.88 22.98 -15.91
N GLY A 77 3.04 22.36 -16.09
CA GLY A 77 3.31 21.54 -17.27
C GLY A 77 4.79 21.33 -17.49
N SER A 78 5.13 20.75 -18.64
CA SER A 78 6.48 20.29 -18.93
C SER A 78 7.29 21.36 -19.68
N ASP A 79 6.61 22.23 -20.42
CA ASP A 79 7.27 23.32 -21.11
C ASP A 79 6.62 24.61 -20.59
N PRO A 80 7.39 25.71 -20.44
CA PRO A 80 6.81 26.94 -19.92
C PRO A 80 5.78 27.62 -20.83
N ALA A 81 5.62 27.18 -22.09
CA ALA A 81 4.51 27.66 -22.96
C ALA A 81 3.39 26.61 -23.10
N SER A 82 3.56 25.44 -22.47
CA SER A 82 2.55 24.38 -22.42
C SER A 82 1.86 24.39 -21.06
N LEU A 83 1.74 25.52 -20.37
CA LEU A 83 1.26 25.42 -18.99
C LEU A 83 -0.27 25.51 -18.99
N THR A 84 -0.92 24.69 -18.17
CA THR A 84 -2.37 24.76 -18.07
C THR A 84 -2.72 25.12 -16.62
N GLU A 85 -3.71 25.99 -16.46
CA GLU A 85 -4.20 26.49 -15.18
C GLU A 85 -4.89 25.34 -14.40
N VAL A 86 -4.58 25.18 -13.10
CA VAL A 86 -5.17 24.08 -12.27
C VAL A 86 -5.81 24.64 -10.99
N TYR A 87 -5.55 25.90 -10.64
CA TYR A 87 -6.03 26.52 -9.42
C TYR A 87 -6.06 28.04 -9.65
N SER A 88 -7.02 28.72 -9.05
CA SER A 88 -7.04 30.17 -9.05
C SER A 88 -7.83 30.66 -7.84
N GLY A 89 -7.38 31.72 -7.23
CA GLY A 89 -8.06 32.20 -6.06
C GLY A 89 -7.25 33.27 -5.36
N THR A 90 -7.44 33.37 -4.04
CA THR A 90 -6.89 34.45 -3.27
C THR A 90 -6.24 33.90 -1.99
N SER A 91 -5.19 34.57 -1.54
CA SER A 91 -4.55 34.21 -0.30
C SER A 91 -5.49 34.63 0.83
N SER A 92 -5.22 34.12 2.03
CA SER A 92 -6.18 34.15 3.13
C SER A 92 -6.10 35.50 3.86
N GLY A 93 -4.94 36.15 3.89
CA GLY A 93 -4.79 37.46 4.58
C GLY A 93 -4.66 37.35 6.11
N GLN A 94 -4.42 36.15 6.60
CA GLN A 94 -4.51 35.84 8.04
C GLN A 94 -3.22 35.21 8.61
N THR A 95 -2.23 34.89 7.75
CA THR A 95 -0.92 34.29 8.18
C THR A 95 0.23 34.75 7.29
N ASN A 96 1.42 34.82 7.88
CA ASN A 96 2.68 35.03 7.14
C ASN A 96 3.36 33.70 6.79
N ALA A 97 2.83 32.54 7.25
CA ALA A 97 3.43 31.18 6.96
C ALA A 97 2.91 30.62 5.62
N LEU A 98 3.23 29.35 5.33
CA LEU A 98 2.81 28.74 4.08
C LEU A 98 1.29 28.47 4.12
N GLU A 99 0.62 28.80 3.01
CA GLU A 99 -0.75 28.39 2.76
C GLU A 99 -0.74 27.29 1.69
N SER A 100 -1.66 26.36 1.82
CA SER A 100 -1.72 25.20 0.92
C SER A 100 -2.77 25.43 -0.17
N TYR A 101 -2.34 25.28 -1.42
CA TYR A 101 -3.26 25.30 -2.55
C TYR A 101 -3.14 23.95 -3.26
N SER A 102 -4.24 23.19 -3.29
CA SER A 102 -4.23 21.79 -3.81
C SER A 102 -5.24 21.61 -4.96
N PHE A 103 -4.91 20.72 -5.88
CA PHE A 103 -5.63 20.57 -7.17
C PHE A 103 -5.45 19.14 -7.71
N THR A 104 -6.10 18.81 -8.81
CA THR A 104 -6.01 17.44 -9.36
C THR A 104 -4.54 17.10 -9.58
N ALA A 105 -4.11 15.93 -9.16
CA ALA A 105 -2.73 15.56 -9.39
C ALA A 105 -2.45 15.63 -10.89
N THR A 106 -1.39 16.34 -11.26
CA THR A 106 -0.99 16.56 -12.66
C THR A 106 0.53 16.39 -12.78
N THR A 107 0.99 15.81 -13.90
CA THR A 107 2.42 15.72 -14.23
C THR A 107 2.93 17.10 -14.64
N ALA A 108 4.05 17.54 -14.06
CA ALA A 108 4.65 18.82 -14.39
C ALA A 108 6.12 18.86 -14.00
N ARG A 109 6.91 19.60 -14.79
CA ARG A 109 8.25 20.00 -14.41
C ARG A 109 8.23 21.46 -13.93
N TYR A 110 7.43 22.30 -14.60
CA TYR A 110 7.39 23.71 -14.28
C TYR A 110 6.06 24.04 -13.59
N ILE A 111 6.16 24.89 -12.56
CA ILE A 111 5.01 25.41 -11.82
C ILE A 111 5.14 26.94 -11.82
N ARG A 112 4.06 27.62 -12.21
CA ARG A 112 4.02 29.08 -12.34
C ARG A 112 2.89 29.61 -11.48
N ILE A 113 3.23 30.52 -10.56
CA ILE A 113 2.23 31.32 -9.85
C ILE A 113 2.14 32.67 -10.55
N THR A 114 0.96 33.03 -11.02
CA THR A 114 0.73 34.34 -11.66
C THR A 114 0.04 35.25 -10.65
N GLY A 115 0.53 36.47 -10.49
CA GLY A 115 0.01 37.39 -9.47
C GLY A 115 -0.89 38.47 -10.06
N PHE A 116 -1.96 38.82 -9.34
CA PHE A 116 -2.94 39.80 -9.80
C PHE A 116 -3.00 41.00 -8.83
N GLY A 117 -1.89 41.37 -8.20
CA GLY A 117 -1.91 42.45 -7.18
C GLY A 117 -2.52 41.96 -5.88
N ASN A 118 -2.73 42.88 -4.95
CA ASN A 118 -3.16 42.57 -3.61
C ASN A 118 -4.26 43.55 -3.19
N SER A 119 -4.76 43.40 -1.96
CA SER A 119 -5.81 44.25 -1.36
C SER A 119 -5.50 45.75 -1.50
N SER A 120 -4.26 46.13 -1.19
CA SER A 120 -3.83 47.53 -1.06
C SER A 120 -3.37 48.06 -2.42
N ASN A 121 -2.54 47.28 -3.13
CA ASN A 121 -1.89 47.81 -4.35
C ASN A 121 -1.51 46.66 -5.29
N THR A 122 -0.82 46.97 -6.39
CA THR A 122 -0.67 46.06 -7.51
C THR A 122 0.60 45.18 -7.38
N TRP A 123 1.28 45.21 -6.22
CA TRP A 123 2.47 44.39 -5.97
C TRP A 123 2.09 42.92 -5.73
N ASN A 124 2.95 42.06 -6.28
CA ASN A 124 3.01 40.65 -5.98
C ASN A 124 4.30 40.30 -5.21
N SER A 125 4.18 39.90 -3.94
CA SER A 125 5.37 39.60 -3.13
C SER A 125 5.20 38.31 -2.31
N ILE A 126 6.14 37.39 -2.52
CA ILE A 126 6.13 36.01 -1.97
C ILE A 126 7.42 35.79 -1.19
N THR A 127 7.31 35.25 0.01
CA THR A 127 8.44 35.06 0.93
C THR A 127 8.92 33.62 0.89
N GLU A 128 8.02 32.66 0.66
CA GLU A 128 8.38 31.24 0.62
C GLU A 128 7.38 30.49 -0.28
N VAL A 129 7.90 29.48 -0.97
CA VAL A 129 7.11 28.59 -1.80
C VAL A 129 7.65 27.16 -1.68
N ALA A 130 6.74 26.20 -1.62
CA ALA A 130 7.09 24.79 -1.68
C ALA A 130 6.09 24.05 -2.59
N ILE A 131 6.55 22.93 -3.17
CA ILE A 131 5.79 22.18 -4.16
C ILE A 131 5.71 20.71 -3.72
N PHE A 132 4.51 20.14 -3.75
CA PHE A 132 4.23 18.88 -3.03
C PHE A 132 3.34 17.92 -3.83
N HIS A 133 3.50 16.64 -3.49
CA HIS A 133 2.50 15.60 -3.61
C HIS A 133 1.99 15.32 -2.19
N ALA A 134 0.72 15.62 -1.91
CA ALA A 134 0.11 15.28 -0.63
C ALA A 134 -0.61 13.92 -0.76
N GLY A 135 -0.76 13.20 0.37
CA GLY A 135 -1.28 11.82 0.39
C GLY A 135 -2.78 11.76 0.62
N GLU A 142 2.13 2.53 -2.46
CA GLU A 142 2.95 3.27 -3.43
C GLU A 142 3.47 2.29 -4.51
N GLU A 143 2.54 1.53 -5.08
CA GLU A 143 2.83 0.60 -6.18
C GLU A 143 2.19 1.17 -7.46
N ALA A 144 2.86 1.03 -8.59
CA ALA A 144 2.39 1.71 -9.79
C ALA A 144 0.94 1.27 -10.07
N PRO A 145 0.06 2.22 -10.43
CA PRO A 145 -1.30 1.85 -10.81
C PRO A 145 -1.32 0.88 -11.99
N GLY A 146 -2.43 0.14 -12.12
CA GLY A 146 -2.61 -0.91 -13.12
C GLY A 146 -3.94 -0.74 -13.83
N THR A 147 -4.37 -1.79 -14.51
CA THR A 147 -5.57 -1.76 -15.35
C THR A 147 -6.55 -2.87 -14.99
N ALA A 148 -6.32 -3.52 -13.86
CA ALA A 148 -7.22 -4.56 -13.39
C ALA A 148 -8.64 -4.00 -13.24
N GLN A 149 -9.63 -4.78 -13.65
CA GLN A 149 -11.04 -4.44 -13.48
C GLN A 149 -11.68 -5.42 -12.50
N ILE A 150 -11.39 -6.71 -12.65
CA ILE A 150 -11.96 -7.74 -11.77
C ILE A 150 -10.82 -8.55 -11.11
N PRO A 151 -11.10 -9.16 -9.95
CA PRO A 151 -9.99 -9.81 -9.25
C PRO A 151 -9.26 -10.88 -10.10
N SER A 152 -9.98 -11.64 -10.93
CA SER A 152 -9.32 -12.66 -11.77
C SER A 152 -8.25 -12.05 -12.68
N ASP A 153 -8.26 -10.74 -12.91
CA ASP A 153 -7.30 -10.12 -13.82
C ASP A 153 -5.89 -10.15 -13.23
N LEU A 154 -5.82 -10.13 -11.90
CA LEU A 154 -4.57 -10.11 -11.12
C LEU A 154 -4.00 -11.52 -10.91
N MET A 155 -4.71 -12.53 -11.40
CA MET A 155 -4.31 -13.93 -11.27
C MET A 155 -3.77 -14.37 -12.63
N SER A 156 -2.63 -15.03 -12.56
CA SER A 156 -1.95 -15.54 -13.69
C SER A 156 -2.65 -16.81 -14.19
N ASN A 157 -3.14 -17.64 -13.27
CA ASN A 157 -4.02 -18.79 -13.61
C ASN A 157 -5.25 -18.74 -12.68
N CYS A 158 -6.38 -18.26 -13.22
CA CYS A 158 -7.61 -18.09 -12.44
C CYS A 158 -8.27 -19.46 -12.11
N ASN A 159 -7.86 -20.51 -12.82
CA ASN A 159 -8.33 -21.87 -12.57
C ASN A 159 -7.70 -22.47 -11.30
N GLN A 160 -6.50 -22.01 -10.92
CA GLN A 160 -5.58 -22.70 -9.98
C GLN A 160 -5.97 -22.42 -8.52
N TRP A 161 -7.05 -21.68 -8.27
CA TRP A 161 -7.52 -21.41 -6.92
C TRP A 161 -9.05 -21.49 -6.88
N LYS A 162 -9.54 -21.72 -5.67
CA LYS A 162 -10.92 -21.48 -5.28
C LYS A 162 -10.90 -20.54 -4.08
N ILE A 163 -11.99 -19.81 -3.88
CA ILE A 163 -12.12 -18.91 -2.75
C ILE A 163 -13.19 -19.43 -1.77
N THR A 164 -12.94 -19.13 -0.49
CA THR A 164 -13.89 -19.33 0.57
C THR A 164 -14.20 -17.97 1.18
N TYR A 165 -15.48 -17.64 1.29
CA TYR A 165 -15.89 -16.32 1.71
C TYR A 165 -16.27 -16.40 3.19
N PRO A 166 -16.41 -15.25 3.84
CA PRO A 166 -16.87 -15.10 5.21
C PRO A 166 -18.31 -15.56 5.48
N ASP A 167 -19.15 -15.58 4.45
CA ASP A 167 -20.54 -16.01 4.54
C ASP A 167 -20.63 -17.54 4.43
N GLY A 168 -19.49 -18.23 4.34
CA GLY A 168 -19.48 -19.67 4.36
C GLY A 168 -19.55 -20.27 2.97
N SER A 169 -19.85 -19.46 1.95
CA SER A 169 -19.95 -19.91 0.53
C SER A 169 -18.54 -20.06 -0.05
N GLU A 170 -18.50 -20.66 -1.21
CA GLU A 170 -17.28 -21.00 -1.93
C GLU A 170 -17.47 -20.69 -3.42
N ASP A 171 -16.36 -20.45 -4.12
CA ASP A 171 -16.43 -20.36 -5.58
C ASP A 171 -15.17 -21.07 -6.15
N LYS A 172 -15.39 -22.12 -6.94
CA LYS A 172 -14.35 -22.93 -7.53
C LYS A 172 -14.05 -22.49 -8.97
N THR A 173 -14.79 -21.50 -9.44
CA THR A 173 -14.66 -21.07 -10.82
C THR A 173 -14.55 -19.54 -10.82
N LEU A 174 -13.36 -19.02 -10.51
CA LEU A 174 -13.14 -17.59 -10.26
C LEU A 174 -12.92 -16.80 -11.54
N CYS A 175 -12.48 -17.44 -12.64
CA CYS A 175 -12.28 -16.73 -13.90
C CYS A 175 -13.53 -15.89 -14.19
N GLY A 176 -13.34 -14.62 -14.44
CA GLY A 176 -14.45 -13.78 -14.84
C GLY A 176 -15.34 -13.29 -13.71
N GLU A 177 -15.08 -13.60 -12.43
CA GLU A 177 -16.06 -13.23 -11.36
C GLU A 177 -16.03 -11.72 -11.14
N ALA A 178 -17.18 -11.16 -10.77
CA ALA A 178 -17.30 -9.74 -10.49
C ALA A 178 -16.68 -9.42 -9.13
N ASN A 179 -16.30 -8.17 -8.96
CA ASN A 179 -15.89 -7.68 -7.66
C ASN A 179 -17.06 -7.84 -6.68
N ASN A 180 -16.77 -8.29 -5.46
CA ASN A 180 -17.79 -8.36 -4.38
C ASN A 180 -17.22 -7.73 -3.09
N GLU A 181 -18.02 -7.75 -2.01
CA GLU A 181 -17.66 -7.02 -0.78
C GLU A 181 -16.54 -7.75 -0.03
N TYR A 182 -16.27 -8.99 -0.37
CA TYR A 182 -15.24 -9.79 0.28
C TYR A 182 -13.96 -9.88 -0.59
N TRP A 183 -14.09 -9.75 -1.91
CA TRP A 183 -12.98 -9.94 -2.86
C TRP A 183 -13.15 -8.95 -4.01
N PHE A 184 -12.34 -7.89 -4.04
CA PHE A 184 -12.47 -6.87 -5.07
C PHE A 184 -11.13 -6.23 -5.37
N VAL A 185 -11.08 -5.54 -6.51
CA VAL A 185 -9.89 -4.81 -6.95
C VAL A 185 -9.80 -3.47 -6.21
N ASN A 186 -8.62 -3.10 -5.77
CA ASN A 186 -8.46 -1.83 -5.03
C ASN A 186 -8.63 -0.66 -6.01
N GLU A 187 -8.47 0.55 -5.49
CA GLU A 187 -8.62 1.79 -6.28
C GLU A 187 -7.62 1.83 -7.44
N ASP A 188 -6.35 1.54 -7.13
CA ASP A 188 -5.26 1.76 -8.06
C ASP A 188 -5.20 0.60 -9.07
N LYS A 189 -6.12 -0.35 -8.93
CA LYS A 189 -6.37 -1.32 -9.97
C LYS A 189 -5.12 -2.18 -10.17
N ASN A 190 -4.39 -2.39 -9.06
CA ASN A 190 -3.12 -3.13 -9.06
C ASN A 190 -3.12 -4.26 -8.01
N ALA A 191 -4.22 -4.50 -7.28
CA ALA A 191 -4.21 -5.53 -6.24
C ALA A 191 -5.62 -6.06 -6.00
N MET A 192 -5.72 -7.24 -5.39
CA MET A 192 -7.02 -7.80 -4.97
C MET A 192 -7.10 -7.72 -3.45
N VAL A 193 -8.31 -7.48 -2.96
CA VAL A 193 -8.54 -7.21 -1.58
C VAL A 193 -9.43 -8.31 -1.01
N PHE A 194 -8.93 -8.94 0.03
CA PHE A 194 -9.65 -9.92 0.76
C PHE A 194 -10.12 -9.31 2.08
N ARG A 195 -11.42 -9.00 2.17
CA ARG A 195 -12.02 -8.35 3.33
C ARG A 195 -12.92 -9.34 4.09
N ALA A 196 -12.68 -9.45 5.38
CA ALA A 196 -13.36 -10.40 6.26
C ALA A 196 -13.98 -9.62 7.44
N PRO A 197 -15.22 -9.13 7.27
CA PRO A 197 -15.87 -8.44 8.36
C PRO A 197 -16.39 -9.44 9.40
N ILE A 198 -16.55 -8.91 10.60
CA ILE A 198 -17.01 -9.65 11.72
C ILE A 198 -18.49 -9.28 11.92
N ARG A 199 -19.36 -10.27 11.77
CA ARG A 199 -20.79 -10.09 11.90
C ARG A 199 -21.39 -11.33 12.58
N SER A 200 -22.56 -11.17 13.20
CA SER A 200 -23.29 -12.33 13.73
C SER A 200 -24.04 -13.03 12.59
N ASN A 201 -24.19 -14.34 12.69
CA ASN A 201 -24.98 -15.14 11.76
C ASN A 201 -24.73 -14.63 10.33
N ASN A 202 -23.54 -14.90 9.78
CA ASN A 202 -23.19 -14.51 8.39
C ASN A 202 -23.32 -15.75 7.49
N GLY A 203 -24.42 -15.87 6.76
CA GLY A 203 -24.69 -17.08 6.01
C GLY A 203 -24.53 -18.29 6.91
N THR A 204 -23.83 -19.31 6.43
CA THR A 204 -23.72 -20.63 7.11
C THR A 204 -22.49 -20.70 8.04
N THR A 205 -21.71 -19.63 8.11
CA THR A 205 -20.50 -19.55 8.95
C THR A 205 -20.92 -19.46 10.43
N PRO A 206 -20.50 -20.46 11.26
CA PRO A 206 -20.84 -20.45 12.68
C PRO A 206 -20.28 -19.20 13.38
N ASN A 207 -20.99 -18.75 14.40
CA ASN A 207 -20.61 -17.57 15.17
C ASN A 207 -19.27 -17.78 15.89
N SER A 208 -18.93 -19.04 16.20
CA SER A 208 -17.70 -19.38 16.96
C SER A 208 -16.52 -19.68 16.02
N SER A 209 -16.81 -20.01 14.75
CA SER A 209 -15.79 -20.17 13.67
C SER A 209 -15.10 -18.85 13.39
N TYR A 210 -13.83 -18.91 13.03
CA TYR A 210 -13.13 -17.72 12.50
C TYR A 210 -13.52 -17.55 11.03
N VAL A 211 -13.13 -16.41 10.48
CA VAL A 211 -13.77 -15.85 9.32
C VAL A 211 -12.70 -15.68 8.24
N ARG A 212 -12.91 -16.23 7.04
CA ARG A 212 -11.90 -16.09 5.99
C ARG A 212 -12.50 -15.50 4.70
N SER A 213 -11.69 -14.68 4.06
CA SER A 213 -11.80 -14.52 2.63
C SER A 213 -10.46 -14.91 1.99
N GLU A 214 -10.33 -16.13 1.47
CA GLU A 214 -8.97 -16.62 1.11
C GLU A 214 -9.00 -17.73 0.05
N LEU A 215 -7.91 -17.85 -0.69
CA LEU A 215 -7.76 -18.82 -1.81
C LEU A 215 -7.20 -20.16 -1.30
N ARG A 216 -7.73 -21.28 -1.79
CA ARG A 216 -7.12 -22.58 -1.54
C ARG A 216 -6.56 -23.12 -2.87
N GLU A 217 -5.32 -23.56 -2.84
CA GLU A 217 -4.66 -24.09 -4.05
C GLU A 217 -5.50 -25.21 -4.69
N ARG A 218 -5.49 -25.22 -6.01
CA ARG A 218 -6.15 -26.23 -6.82
C ARG A 218 -5.18 -26.76 -7.89
N LYS A 219 -5.59 -27.81 -8.60
CA LYS A 219 -4.88 -28.22 -9.80
C LYS A 219 -4.94 -27.08 -10.81
N GLU A 220 -3.99 -27.07 -11.74
CA GLU A 220 -3.84 -25.92 -12.66
C GLU A 220 -4.98 -25.82 -13.68
N ASP A 221 -5.76 -26.88 -13.85
CA ASP A 221 -6.89 -26.91 -14.79
C ASP A 221 -8.19 -26.72 -14.00
N GLY A 222 -8.11 -26.66 -12.68
CA GLY A 222 -9.26 -26.29 -11.83
C GLY A 222 -10.18 -27.48 -11.59
N SER A 223 -9.79 -28.66 -12.05
CA SER A 223 -10.60 -29.89 -11.99
C SER A 223 -10.89 -30.31 -10.54
N ALA A 224 -9.99 -29.96 -9.63
CA ALA A 224 -10.05 -30.48 -8.25
C ALA A 224 -9.01 -29.81 -7.36
N ASP A 225 -9.20 -30.02 -6.05
CA ASP A 225 -8.26 -29.69 -5.00
C ASP A 225 -6.93 -30.43 -5.26
N ILE A 226 -5.81 -29.73 -5.10
CA ILE A 226 -4.48 -30.35 -5.25
C ILE A 226 -3.93 -30.66 -3.88
N TYR A 227 -3.19 -31.76 -3.81
CA TYR A 227 -2.40 -32.12 -2.64
C TYR A 227 -0.99 -32.44 -3.12
N TRP A 228 0.03 -31.94 -2.43
CA TRP A 228 1.43 -32.25 -2.75
C TRP A 228 2.14 -32.69 -1.45
N THR A 229 3.43 -32.99 -1.55
CA THR A 229 4.21 -33.45 -0.37
C THR A 229 5.42 -32.55 -0.15
N THR A 230 6.05 -32.69 1.01
CA THR A 230 7.26 -31.94 1.34
C THR A 230 8.46 -32.44 0.51
N THR A 231 8.28 -33.46 -0.31
CA THR A 231 9.38 -33.96 -1.16
C THR A 231 9.43 -33.16 -2.47
N GLY A 232 10.61 -32.64 -2.80
CA GLY A 232 10.80 -31.77 -3.95
C GLY A 232 10.91 -30.32 -3.54
N THR A 233 10.77 -29.42 -4.50
CA THR A 233 10.88 -28.04 -4.24
C THR A 233 9.51 -27.40 -4.48
N HIS A 234 9.03 -26.67 -3.46
CA HIS A 234 7.69 -26.08 -3.45
C HIS A 234 7.74 -24.66 -2.88
N VAL A 235 7.18 -23.70 -3.61
CA VAL A 235 7.36 -22.31 -3.30
C VAL A 235 6.03 -21.58 -3.37
N VAL A 236 5.78 -20.69 -2.41
CA VAL A 236 4.77 -19.63 -2.57
C VAL A 236 5.43 -18.29 -2.32
N TYR A 237 5.22 -17.35 -3.24
CA TYR A 237 5.61 -15.98 -3.09
C TYR A 237 4.36 -15.11 -3.09
N VAL A 238 4.31 -14.15 -2.18
CA VAL A 238 3.19 -13.21 -2.12
C VAL A 238 3.75 -11.81 -1.86
N LYS A 239 3.28 -10.83 -2.63
CA LYS A 239 3.46 -9.41 -2.33
C LYS A 239 2.12 -8.85 -1.87
N GLN A 240 2.07 -8.36 -0.64
CA GLN A 240 0.80 -8.00 -0.02
C GLN A 240 1.00 -6.98 1.10
N ALA A 241 -0.10 -6.38 1.53
CA ALA A 241 -0.10 -5.60 2.77
C ALA A 241 -1.29 -6.03 3.62
N ILE A 242 -1.07 -6.14 4.92
CA ILE A 242 -2.18 -6.35 5.80
C ILE A 242 -2.64 -4.96 6.20
N THR A 243 -3.88 -4.64 5.88
CA THR A 243 -4.36 -3.27 5.96
C THR A 243 -5.34 -3.07 7.13
N GLN A 244 -5.95 -4.10 7.67
CA GLN A 244 -6.89 -3.88 8.78
C GLN A 244 -6.96 -5.14 9.65
N LEU A 245 -7.19 -4.92 10.96
CA LEU A 245 -7.49 -5.99 11.93
C LEU A 245 -8.78 -5.66 12.69
N PRO A 246 -9.47 -6.69 13.21
CA PRO A 246 -10.61 -6.49 14.11
C PRO A 246 -10.23 -5.62 15.32
N ILE A 247 -11.22 -5.31 16.11
CA ILE A 247 -11.07 -4.26 17.13
C ILE A 247 -10.59 -4.86 18.46
N VAL A 248 -11.24 -5.95 18.88
CA VAL A 248 -10.98 -6.63 20.16
C VAL A 248 -9.80 -7.62 20.01
N LYS A 249 -9.96 -8.57 19.09
CA LYS A 249 -8.98 -9.63 18.82
C LYS A 249 -8.36 -9.36 17.43
N ASP A 250 -7.39 -8.46 17.46
CA ASP A 250 -6.71 -7.91 16.29
C ASP A 250 -5.66 -8.91 15.76
N HIS A 251 -6.16 -10.05 15.26
CA HIS A 251 -5.34 -11.21 14.92
C HIS A 251 -5.78 -11.71 13.53
N LEU A 252 -4.83 -12.08 12.68
CA LEU A 252 -5.12 -12.37 11.30
C LEU A 252 -4.02 -13.27 10.71
N VAL A 253 -4.41 -14.23 9.87
CA VAL A 253 -3.47 -15.14 9.20
C VAL A 253 -3.50 -14.83 7.70
N ALA A 254 -2.33 -14.68 7.09
CA ALA A 254 -2.27 -14.41 5.65
C ALA A 254 -1.82 -15.68 4.91
N THR A 255 -0.58 -15.74 4.49
CA THR A 255 -0.08 -16.87 3.66
C THR A 255 0.01 -18.14 4.50
N GLN A 256 -0.28 -19.32 3.92
CA GLN A 256 -0.26 -20.58 4.69
C GLN A 256 0.17 -21.78 3.84
N ILE A 257 0.86 -22.72 4.52
CA ILE A 257 1.00 -24.10 4.09
C ILE A 257 0.11 -24.93 5.00
N HIS A 258 -0.71 -25.82 4.43
CA HIS A 258 -1.64 -26.66 5.19
C HIS A 258 -1.38 -28.14 4.88
N GLY A 259 -1.43 -29.00 5.91
CA GLY A 259 -1.51 -30.50 5.78
C GLY A 259 -2.74 -31.04 6.53
N ASP A 260 -2.85 -32.37 6.76
CA ASP A 260 -4.00 -32.93 7.56
C ASP A 260 -3.81 -32.66 9.06
N LYS A 261 -4.88 -32.18 9.69
CA LYS A 261 -5.06 -32.17 11.14
C LYS A 261 -4.70 -33.55 11.72
N SER A 262 -5.25 -34.61 11.11
CA SER A 262 -5.20 -36.00 11.64
C SER A 262 -3.75 -36.43 11.87
N ALA A 263 -2.81 -35.81 11.14
CA ALA A 263 -1.42 -36.18 11.21
C ALA A 263 -0.64 -35.21 12.09
N GLY A 264 -1.32 -34.38 12.88
CA GLY A 264 -0.68 -33.41 13.79
C GLY A 264 0.06 -32.30 13.04
N ILE A 265 -0.26 -32.12 11.75
CA ILE A 265 0.38 -31.15 10.89
C ILE A 265 -0.51 -29.91 10.81
N ASP A 266 -1.69 -30.06 10.24
CA ASP A 266 -2.67 -28.96 10.10
C ASP A 266 -1.99 -27.76 9.40
N ASP A 267 -2.11 -26.58 10.00
CA ASP A 267 -1.57 -25.33 9.44
C ASP A 267 -0.06 -25.29 9.78
N ALA A 268 0.69 -26.06 9.02
CA ALA A 268 2.10 -26.36 9.27
C ALA A 268 2.93 -25.08 9.37
N MET A 269 2.63 -24.12 8.51
CA MET A 269 3.43 -22.91 8.44
C MET A 269 2.57 -21.77 7.90
N VAL A 270 2.35 -20.74 8.73
CA VAL A 270 1.50 -19.60 8.36
C VAL A 270 2.20 -18.33 8.82
N MET A 271 1.88 -17.23 8.15
CA MET A 271 2.25 -15.90 8.57
C MET A 271 1.07 -15.32 9.33
N ARG A 272 1.34 -14.77 10.53
CA ARG A 272 0.32 -14.29 11.45
C ARG A 272 0.66 -12.87 11.91
N LEU A 273 -0.33 -12.02 12.07
CA LEU A 273 -0.15 -10.66 12.62
C LEU A 273 -1.03 -10.55 13.86
N GLU A 274 -0.40 -10.22 14.98
CA GLU A 274 -1.13 -9.89 16.22
C GLU A 274 -0.66 -8.48 16.62
N GLY A 275 -1.55 -7.51 16.48
CA GLY A 275 -1.18 -6.13 16.72
C GLY A 275 -0.11 -5.65 15.74
N ASN A 276 1.06 -5.34 16.29
CA ASN A 276 2.23 -4.97 15.51
C ASN A 276 3.15 -6.20 15.39
N HIS A 277 2.79 -7.34 16.01
CA HIS A 277 3.64 -8.56 16.02
C HIS A 277 3.39 -9.43 14.78
N LEU A 278 4.37 -9.49 13.89
CA LEU A 278 4.25 -10.28 12.68
C LEU A 278 5.19 -11.47 12.82
N PHE A 279 4.61 -12.67 12.76
CA PHE A 279 5.37 -13.88 12.97
C PHE A 279 4.89 -15.05 12.10
N ALA A 280 5.71 -16.09 12.12
CA ALA A 280 5.38 -17.34 11.49
C ALA A 280 4.95 -18.30 12.60
N SER A 281 3.88 -19.06 12.37
CA SER A 281 3.35 -19.98 13.38
C SER A 281 3.17 -21.38 12.79
N PHE A 282 3.51 -22.38 13.57
CA PHE A 282 3.65 -23.72 13.06
C PHE A 282 2.68 -24.62 13.82
N ASN A 283 1.47 -24.83 13.27
CA ASN A 283 0.35 -25.52 13.91
C ASN A 283 0.08 -24.88 15.29
N GLY A 284 0.05 -23.55 15.30
CA GLY A 284 -0.27 -22.80 16.51
C GLY A 284 0.61 -23.22 17.68
N GLY A 285 1.91 -23.41 17.43
CA GLY A 285 2.87 -23.66 18.48
C GLY A 285 3.10 -25.14 18.78
N LYS A 286 2.40 -26.05 18.10
CA LYS A 286 2.46 -27.47 18.45
C LYS A 286 3.63 -28.16 17.75
N LEU A 287 4.13 -27.62 16.64
CA LEU A 287 5.30 -28.21 15.95
C LEU A 287 6.61 -27.64 16.51
N ARG A 288 6.62 -26.32 16.68
CA ARG A 288 7.75 -25.57 17.20
C ARG A 288 7.23 -24.19 17.65
N SER A 289 8.08 -23.40 18.28
CA SER A 289 7.65 -22.12 18.81
C SER A 289 7.45 -21.12 17.66
N ASP A 290 6.53 -20.18 17.86
CA ASP A 290 6.32 -19.07 16.92
C ASP A 290 7.67 -18.43 16.61
N LEU A 291 7.86 -17.96 15.39
CA LEU A 291 9.09 -17.25 15.04
C LEU A 291 8.78 -15.83 14.53
N THR A 292 9.33 -14.86 15.21
CA THR A 292 9.03 -13.50 14.97
C THR A 292 9.76 -13.03 13.70
N ILE A 293 9.01 -12.32 12.88
CA ILE A 293 9.52 -11.65 11.70
C ILE A 293 9.85 -10.20 12.05
N LYS A 294 8.87 -9.49 12.63
CA LYS A 294 8.94 -8.08 13.00
C LYS A 294 8.12 -7.85 14.29
N THR A 295 8.56 -6.94 15.14
CA THR A 295 7.77 -6.53 16.32
C THR A 295 7.01 -5.23 16.07
N ASN A 296 7.32 -4.54 14.98
CA ASN A 296 6.79 -3.21 14.69
C ASN A 296 6.15 -3.21 13.30
N TYR A 297 5.26 -4.16 13.01
CA TYR A 297 4.60 -4.12 11.71
C TYR A 297 3.49 -3.05 11.75
N ASN A 298 3.56 -2.10 10.82
CA ASN A 298 2.55 -1.04 10.66
C ASN A 298 1.53 -1.46 9.59
N LEU A 299 0.26 -1.32 9.93
CA LEU A 299 -0.78 -1.67 8.99
C LEU A 299 -0.61 -0.88 7.69
N GLY A 300 -0.65 -1.60 6.57
CA GLY A 300 -0.60 -1.00 5.23
C GLY A 300 0.79 -0.97 4.63
N THR A 301 1.76 -1.57 5.34
CA THR A 301 3.11 -1.68 4.83
C THR A 301 3.13 -2.86 3.85
N VAL A 302 3.50 -2.58 2.62
CA VAL A 302 3.55 -3.59 1.57
C VAL A 302 4.79 -4.43 1.82
N HIS A 303 4.61 -5.74 1.90
CA HIS A 303 5.77 -6.62 2.08
C HIS A 303 5.77 -7.71 1.01
N GLU A 304 6.86 -8.47 0.98
CA GLU A 304 6.99 -9.69 0.17
C GLU A 304 7.40 -10.85 1.09
N VAL A 305 6.85 -12.02 0.85
CA VAL A 305 7.11 -13.20 1.64
C VAL A 305 7.23 -14.41 0.72
N ILE A 306 8.16 -15.30 1.04
CA ILE A 306 8.27 -16.62 0.41
C ILE A 306 8.29 -17.71 1.48
N PHE A 307 7.43 -18.71 1.36
CA PHE A 307 7.68 -20.00 1.98
C PHE A 307 8.24 -20.91 0.89
N GLU A 308 9.32 -21.62 1.21
CA GLU A 308 10.06 -22.48 0.25
C GLU A 308 10.30 -23.80 0.96
N VAL A 309 9.76 -24.91 0.43
CA VAL A 309 9.97 -26.20 1.06
C VAL A 309 10.83 -27.05 0.12
N ILE A 310 11.93 -27.57 0.64
CA ILE A 310 12.85 -28.39 -0.17
C ILE A 310 13.11 -29.70 0.58
N ASN A 311 12.36 -30.75 0.25
CA ASN A 311 12.55 -32.06 0.88
C ASN A 311 12.42 -31.94 2.41
N GLY A 312 11.42 -31.22 2.87
CA GLY A 312 11.11 -31.12 4.30
C GLY A 312 11.65 -29.85 4.95
N LYS A 313 12.71 -29.24 4.40
CA LYS A 313 13.29 -28.02 4.97
C LYS A 313 12.46 -26.82 4.51
N HIS A 314 11.96 -26.05 5.50
CA HIS A 314 11.10 -24.89 5.31
C HIS A 314 11.92 -23.62 5.47
N TYR A 315 12.01 -22.79 4.43
CA TYR A 315 12.73 -21.50 4.51
C TYR A 315 11.73 -20.32 4.48
N LEU A 316 12.01 -19.24 5.23
CA LEU A 316 11.16 -18.05 5.29
C LEU A 316 11.93 -16.82 4.82
N TYR A 317 11.44 -16.19 3.75
CA TYR A 317 12.04 -14.97 3.22
C TYR A 317 11.04 -13.83 3.43
N TYR A 318 11.53 -12.66 3.80
CA TYR A 318 10.67 -11.50 4.07
C TYR A 318 11.38 -10.23 3.63
N SER A 319 10.65 -9.29 3.02
CA SER A 319 11.31 -8.01 2.69
C SER A 319 10.29 -6.88 2.61
N GLU A 320 10.71 -5.69 3.00
CA GLU A 320 9.88 -4.50 2.86
C GLU A 320 10.54 -3.52 1.86
N ASP A 321 11.56 -3.98 1.11
CA ASP A 321 12.36 -3.08 0.27
C ASP A 321 11.91 -3.17 -1.19
N GLY A 322 11.02 -4.10 -1.51
CA GLY A 322 10.42 -4.19 -2.87
C GLY A 322 11.21 -5.10 -3.81
N LYS A 323 12.26 -5.75 -3.32
CA LYS A 323 13.22 -6.40 -4.23
C LYS A 323 13.28 -7.93 -4.06
N LEU A 324 12.41 -8.51 -3.25
CA LEU A 324 12.53 -9.92 -2.96
C LEU A 324 12.29 -10.76 -4.22
N ALA A 325 11.27 -10.42 -5.02
CA ALA A 325 10.99 -11.22 -6.25
C ALA A 325 12.16 -11.14 -7.22
N GLU A 326 12.71 -9.93 -7.39
CA GLU A 326 13.84 -9.67 -8.32
C GLU A 326 15.08 -10.44 -7.86
N ALA A 327 15.33 -10.46 -6.54
CA ALA A 327 16.48 -11.10 -5.93
C ALA A 327 16.38 -12.63 -6.05
N TYR A 328 15.21 -13.17 -5.83
CA TYR A 328 14.96 -14.62 -5.93
C TYR A 328 15.10 -15.07 -7.37
N ALA A 329 14.64 -14.22 -8.28
CA ALA A 329 14.80 -14.51 -9.71
C ALA A 329 16.29 -14.38 -10.12
N ASN A 330 17.07 -13.49 -9.46
CA ASN A 330 18.48 -13.28 -9.84
C ASN A 330 19.36 -14.29 -9.08
N GLY A 331 18.81 -15.00 -8.09
CA GLY A 331 19.54 -16.03 -7.30
C GLY A 331 20.24 -15.46 -6.06
N SER A 332 19.97 -14.21 -5.71
CA SER A 332 20.73 -13.51 -4.67
C SER A 332 19.82 -13.11 -3.51
N ALA A 333 19.03 -14.06 -2.99
CA ALA A 333 17.89 -13.72 -2.07
C ALA A 333 18.18 -14.09 -0.61
N ALA A 334 19.25 -14.85 -0.38
CA ALA A 334 19.69 -15.27 0.96
C ALA A 334 19.64 -14.13 1.99
N ALA A 335 19.98 -12.92 1.59
CA ALA A 335 19.93 -11.75 2.48
C ALA A 335 18.58 -11.65 3.22
N TYR A 336 17.50 -12.11 2.59
CA TYR A 336 16.13 -11.87 3.11
C TYR A 336 15.60 -13.07 3.90
N LEU A 337 16.43 -14.07 4.18
CA LEU A 337 16.01 -15.22 4.97
C LEU A 337 15.74 -14.77 6.41
N ILE A 338 14.67 -15.29 7.01
CA ILE A 338 14.46 -15.18 8.42
C ILE A 338 15.09 -16.44 9.04
N LYS A 339 16.24 -16.25 9.66
CA LYS A 339 16.99 -17.32 10.27
C LYS A 339 16.46 -17.61 11.66
N ASP A 340 16.72 -18.82 12.08
CA ASP A 340 16.33 -19.29 13.39
C ASP A 340 17.59 -19.82 14.09
N GLY A 341 18.05 -19.07 15.09
CA GLY A 341 19.38 -19.30 15.64
C GLY A 341 20.40 -19.37 14.52
N GLY A 342 21.11 -20.51 14.43
CA GLY A 342 22.19 -20.68 13.47
C GLY A 342 21.79 -21.56 12.29
N ASN A 343 20.49 -21.63 12.00
CA ASN A 343 19.94 -22.43 10.91
C ASN A 343 19.35 -21.49 9.85
N ASP A 344 19.64 -21.77 8.57
CA ASP A 344 19.08 -21.02 7.39
C ASP A 344 17.57 -21.25 7.21
N TYR A 345 17.06 -22.34 7.77
CA TYR A 345 15.69 -22.83 7.65
C TYR A 345 15.02 -22.74 9.03
N VAL A 346 13.72 -22.50 9.03
CA VAL A 346 12.98 -22.29 10.26
C VAL A 346 12.37 -23.62 10.76
N MET A 347 12.25 -24.64 9.88
CA MET A 347 11.65 -25.92 10.30
C MET A 347 12.03 -27.03 9.29
N ASP A 348 12.27 -28.22 9.80
CA ASP A 348 12.50 -29.42 8.96
C ASP A 348 11.45 -30.45 9.36
N LEU A 349 10.56 -30.80 8.44
CA LEU A 349 9.50 -31.74 8.75
C LEU A 349 8.95 -32.31 7.44
N ASN A 350 8.58 -33.57 7.44
CA ASN A 350 8.03 -34.20 6.26
C ASN A 350 6.56 -34.57 6.50
N TYR A 351 5.75 -34.32 5.48
CA TYR A 351 4.33 -34.66 5.48
C TYR A 351 3.84 -34.64 4.04
N ASP A 352 2.64 -35.21 3.86
CA ASP A 352 1.96 -35.24 2.55
C ASP A 352 0.62 -34.50 2.70
N GLN A 353 -0.19 -34.60 1.66
CA GLN A 353 -1.53 -34.01 1.63
C GLN A 353 -1.43 -32.50 1.90
N SER A 354 -0.44 -31.86 1.26
CA SER A 354 -0.12 -30.48 1.52
C SER A 354 -0.60 -29.57 0.38
N TYR A 355 -0.99 -28.35 0.73
CA TYR A 355 -1.45 -27.35 -0.25
C TYR A 355 -1.20 -25.93 0.31
N PHE A 356 -1.21 -24.92 -0.57
CA PHE A 356 -1.08 -23.53 -0.19
C PHE A 356 -2.45 -22.83 -0.09
N LYS A 357 -2.48 -21.79 0.74
CA LYS A 357 -3.57 -20.83 0.81
C LYS A 357 -2.98 -19.43 0.80
N ILE A 358 -3.66 -18.52 0.10
CA ILE A 358 -3.28 -17.11 0.01
C ILE A 358 -4.50 -16.26 0.31
N GLY A 359 -4.33 -15.17 1.05
CA GLY A 359 -5.40 -14.24 1.30
C GLY A 359 -5.51 -13.92 2.78
N ASN A 360 -6.74 -13.98 3.28
CA ASN A 360 -7.10 -13.41 4.60
C ASN A 360 -7.93 -14.42 5.41
N TYR A 361 -7.33 -14.94 6.48
CA TYR A 361 -8.08 -15.75 7.48
C TYR A 361 -8.08 -15.00 8.82
N THR A 362 -9.15 -14.28 9.13
CA THR A 362 -9.16 -13.39 10.30
C THR A 362 -9.46 -14.23 11.53
N GLN A 363 -8.60 -14.17 12.54
CA GLN A 363 -8.80 -14.99 13.73
C GLN A 363 -9.71 -14.26 14.74
N SER A 364 -10.90 -13.81 14.32
CA SER A 364 -11.88 -13.29 15.29
C SER A 364 -13.30 -13.65 14.84
N ASN A 365 -14.29 -13.31 15.66
CA ASN A 365 -15.69 -13.65 15.35
C ASN A 365 -16.61 -12.82 16.25
N SER A 366 -17.93 -13.06 16.17
CA SER A 366 -18.93 -12.25 16.92
C SER A 366 -18.83 -12.49 18.44
N GLU A 367 -18.36 -13.68 18.83
CA GLU A 367 -18.23 -14.06 20.26
C GLU A 367 -17.07 -13.30 20.91
N LYS A 368 -15.99 -13.07 20.14
CA LYS A 368 -14.77 -12.42 20.65
C LYS A 368 -14.90 -10.89 20.56
N GLU A 369 -15.57 -10.39 19.52
CA GLU A 369 -15.77 -8.95 19.36
C GLU A 369 -16.92 -8.48 20.26
N GLY A 370 -17.88 -9.37 20.54
CA GLY A 370 -19.07 -9.06 21.34
C GLY A 370 -19.77 -7.83 20.79
N SER A 371 -19.86 -6.76 21.59
CA SER A 371 -20.68 -5.55 21.30
C SER A 371 -20.16 -4.78 20.07
N TYR A 372 -18.87 -4.91 19.73
CA TYR A 372 -18.30 -4.27 18.52
C TYR A 372 -18.58 -5.06 17.22
N THR A 373 -19.25 -6.21 17.33
CA THR A 373 -19.73 -6.96 16.19
C THR A 373 -20.63 -6.09 15.32
N GLY A 374 -20.41 -6.10 14.00
CA GLY A 374 -21.26 -5.37 13.05
C GLY A 374 -20.75 -3.96 12.81
N ASP A 375 -19.83 -3.52 13.64
CA ASP A 375 -19.15 -2.29 13.43
C ASP A 375 -18.54 -2.29 12.01
N PRO A 376 -18.68 -1.15 11.29
CA PRO A 376 -18.10 -0.85 9.98
C PRO A 376 -16.60 -1.19 9.87
N ASN A 377 -15.80 -0.85 10.87
CA ASN A 377 -14.35 -1.02 10.81
C ASN A 377 -13.92 -2.33 11.48
N ASN A 378 -14.87 -3.16 11.86
CA ASN A 378 -14.51 -4.39 12.51
C ASN A 378 -14.36 -5.50 11.45
N TYR A 379 -13.22 -5.46 10.77
CA TYR A 379 -12.91 -6.45 9.74
C TYR A 379 -11.39 -6.65 9.66
N GLY A 380 -10.98 -7.83 9.19
CA GLY A 380 -9.59 -8.04 8.79
C GLY A 380 -9.45 -7.82 7.31
N GLU A 381 -8.30 -7.34 6.86
CA GLU A 381 -8.12 -7.10 5.43
C GLU A 381 -6.66 -7.27 5.01
N VAL A 382 -6.50 -7.81 3.81
CA VAL A 382 -5.23 -8.15 3.17
C VAL A 382 -5.33 -7.77 1.70
N VAL A 383 -4.33 -7.01 1.25
CA VAL A 383 -4.25 -6.51 -0.10
C VAL A 383 -3.07 -7.23 -0.77
N VAL A 384 -3.34 -7.93 -1.86
CA VAL A 384 -2.34 -8.76 -2.55
C VAL A 384 -2.03 -8.14 -3.92
N TYR A 385 -0.79 -7.70 -4.10
CA TYR A 385 -0.39 -7.04 -5.32
C TYR A 385 0.05 -8.10 -6.33
N ASP A 386 0.73 -9.17 -5.87
CA ASP A 386 1.26 -10.18 -6.77
C ASP A 386 1.52 -11.48 -6.01
N TYR A 387 1.58 -12.59 -6.71
CA TYR A 387 1.86 -13.84 -6.07
C TYR A 387 2.21 -14.89 -7.13
N PHE A 388 2.90 -15.97 -6.73
CA PHE A 388 3.04 -17.14 -7.62
C PHE A 388 3.35 -18.36 -6.76
N VAL A 389 3.19 -19.54 -7.35
CA VAL A 389 3.59 -20.80 -6.69
C VAL A 389 4.32 -21.69 -7.71
N SER A 390 5.23 -22.53 -7.24
CA SER A 390 5.90 -23.49 -8.14
C SER A 390 6.03 -24.84 -7.45
N HIS A 391 6.00 -25.89 -8.25
CA HIS A 391 6.16 -27.25 -7.76
C HIS A 391 7.15 -28.02 -8.66
N GLN A 392 7.99 -28.84 -8.05
CA GLN A 392 9.05 -29.54 -8.76
C GLN A 392 9.40 -30.83 -8.02
N HIS A 393 9.69 -31.91 -8.76
CA HIS A 393 10.22 -33.17 -8.17
C HIS A 393 10.98 -33.96 -9.26
CA CA B . 12.35 34.22 1.33
K K C . -18.01 -18.74 -10.41
C ACT D . 4.75 45.08 -1.50
O ACT D . 3.92 45.71 -0.78
OXT ACT D . 4.54 43.93 -1.91
CH3 ACT D . 6.02 45.77 -1.93
P PO4 E . -6.67 -18.63 19.12
O1 PO4 E . -6.51 -17.53 18.11
O2 PO4 E . -6.78 -17.99 20.50
O3 PO4 E . -7.90 -19.48 18.82
O4 PO4 E . -5.47 -19.58 19.08
#